data_3Q5J
#
_entry.id   3Q5J
#
_cell.length_a   111.730
_cell.length_b   111.730
_cell.length_c   48.980
_cell.angle_alpha   90.000
_cell.angle_beta   90.000
_cell.angle_gamma   90.000
#
_symmetry.space_group_name_H-M   'I 41'
#
loop_
_entity.id
_entity.type
_entity.pdbx_description
1 polymer 'Heat shock protein 83-1'
2 non-polymer '(4E,6Z,8S,9S,10E,12S,13R,14S,16R)-19-{[3-(dimethylamino)propyl]amino}-13-hydroxy-8,14-dimethoxy-4,10,12,16-tetramethyl-3,20,22-trioxo-2-azabicyclo[16.3.1]docosa-1(21),4,6,10,18-pentaen-9-yl carbamate'
3 water water
#
_entity_poly.entity_id   1
_entity_poly.type   'polypeptide(L)'
_entity_poly.pdbx_seq_one_letter_code
;MHHHHHHSSGRENLYFQGMTETFAFQAEINQLMSLIINTFYSNKEIFLRELISNASDACDKIRYQSLTDPSVLGESPRLC
IRVVPDKENKTLTVEDNGIGMTKADLVNNLGTIARSGTKAFMEALEAGGDMSMIGQFGVGFYSAYLVADRVTVTSKNNSD
ESYVWESSAGGTFTITSTPESDMKRGTRITLHLKEDQMEYLEPRRLKELIKKHSEFIGYDIELMVEKTTEK
;
_entity_poly.pdbx_strand_id   A
#
loop_
_chem_comp.id
_chem_comp.type
_chem_comp.name
_chem_comp.formula
D1S non-polymer '(4E,6Z,8S,9S,10E,12S,13R,14S,16R)-19-{[3-(dimethylamino)propyl]amino}-13-hydroxy-8,14-dimethoxy-4,10,12,16-tetramethyl-3,20,22-trioxo-2-azabicyclo[16.3.1]docosa-1(21),4,6,10,18-pentaen-9-yl carbamate' 'C33 H50 N4 O8'
#
# COMPACT_ATOMS: atom_id res chain seq x y z
N GLU A 12 10.06 25.41 -12.78
CA GLU A 12 10.34 26.59 -13.59
C GLU A 12 11.65 27.27 -13.15
N ASN A 13 11.86 27.40 -11.83
CA ASN A 13 13.06 28.01 -11.27
C ASN A 13 14.21 26.99 -11.29
N LEU A 14 15.41 27.43 -11.65
CA LEU A 14 16.63 26.62 -11.75
C LEU A 14 17.06 26.06 -10.39
N TYR A 15 16.80 26.83 -9.33
CA TYR A 15 17.17 26.53 -7.95
C TYR A 15 16.09 25.75 -7.23
N PHE A 16 14.90 25.59 -7.84
CA PHE A 16 13.80 24.81 -7.29
C PHE A 16 14.27 23.37 -7.09
N GLN A 17 14.06 22.83 -5.87
CA GLN A 17 14.52 21.49 -5.49
C GLN A 17 13.39 20.50 -5.37
N GLY A 18 12.31 20.91 -4.75
CA GLY A 18 11.17 20.02 -4.55
C GLY A 18 10.01 20.71 -3.87
N MET A 19 8.94 19.96 -3.72
CA MET A 19 7.72 20.46 -3.11
C MET A 19 6.98 19.35 -2.38
N THR A 20 6.36 19.70 -1.23
CA THR A 20 5.51 18.81 -0.45
C THR A 20 4.17 19.52 -0.25
N GLU A 21 3.07 18.82 -0.49
CA GLU A 21 1.72 19.36 -0.27
C GLU A 21 1.05 18.52 0.80
N THR A 22 0.33 19.16 1.73
CA THR A 22 -0.41 18.47 2.78
C THR A 22 -1.91 18.55 2.44
N PHE A 23 -2.60 17.41 2.58
CA PHE A 23 -4.03 17.27 2.35
C PHE A 23 -4.68 16.62 3.54
N ALA A 24 -5.90 17.03 3.88
CA ALA A 24 -6.66 16.35 4.94
C ALA A 24 -7.31 15.12 4.29
N PHE A 25 -7.59 14.08 5.07
CA PHE A 25 -8.27 12.93 4.49
C PHE A 25 -9.74 13.25 4.38
N GLN A 26 -10.43 12.63 3.43
CA GLN A 26 -11.88 12.75 3.33
C GLN A 26 -12.41 12.15 4.69
N ALA A 27 -13.49 12.74 5.28
CA ALA A 27 -14.02 12.35 6.60
C ALA A 27 -14.11 10.84 6.86
N GLU A 28 -14.73 10.09 5.95
CA GLU A 28 -14.92 8.64 6.12
C GLU A 28 -13.59 7.89 6.06
N ILE A 29 -12.62 8.33 5.22
CA ILE A 29 -11.28 7.69 5.15
C ILE A 29 -10.57 7.94 6.48
N ASN A 30 -10.72 9.15 7.03
CA ASN A 30 -10.13 9.49 8.33
C ASN A 30 -10.69 8.53 9.43
N GLN A 31 -12.04 8.35 9.48
CA GLN A 31 -12.69 7.41 10.41
C GLN A 31 -12.16 5.99 10.27
N LEU A 32 -12.03 5.49 9.04
CA LEU A 32 -11.54 4.13 8.79
C LEU A 32 -10.12 3.92 9.31
N MET A 33 -9.24 4.87 9.03
CA MET A 33 -7.84 4.84 9.47
C MET A 33 -7.74 4.83 10.99
N SER A 34 -8.57 5.63 11.70
CA SER A 34 -8.60 5.64 13.19
C SER A 34 -9.07 4.29 13.69
N LEU A 35 -10.10 3.73 13.03
CA LEU A 35 -10.69 2.43 13.36
C LEU A 35 -9.63 1.33 13.16
N ILE A 36 -8.83 1.41 12.08
CA ILE A 36 -7.78 0.42 11.81
C ILE A 36 -6.59 0.53 12.79
N ILE A 37 -5.94 1.72 12.86
CA ILE A 37 -4.72 1.91 13.65
C ILE A 37 -4.92 1.82 15.17
N ASN A 38 -6.09 2.26 15.68
CA ASN A 38 -6.35 2.37 17.12
C ASN A 38 -7.53 1.50 17.54
N THR A 39 -7.48 0.20 17.19
CA THR A 39 -8.46 -0.86 17.55
C THR A 39 -7.78 -2.23 17.40
N PHE A 40 -8.08 -3.16 18.33
CA PHE A 40 -7.51 -4.49 18.34
C PHE A 40 -8.24 -5.47 17.41
N TYR A 41 -7.42 -6.22 16.63
CA TYR A 41 -7.82 -7.29 15.74
C TYR A 41 -6.86 -8.46 15.96
N SER A 42 -7.39 -9.69 16.02
CA SER A 42 -6.66 -10.93 16.28
C SER A 42 -5.61 -11.34 15.21
N ASN A 43 -5.89 -11.13 13.90
CA ASN A 43 -4.93 -11.59 12.88
C ASN A 43 -4.48 -10.46 11.91
N LYS A 44 -3.66 -9.53 12.42
CA LYS A 44 -3.14 -8.37 11.69
C LYS A 44 -2.31 -8.75 10.45
N GLU A 45 -1.81 -10.00 10.38
CA GLU A 45 -1.00 -10.56 9.29
C GLU A 45 -1.65 -10.47 7.89
N ILE A 46 -2.98 -10.27 7.83
CA ILE A 46 -3.78 -10.16 6.59
C ILE A 46 -3.34 -8.96 5.71
N PHE A 47 -2.62 -7.98 6.30
CA PHE A 47 -2.10 -6.79 5.59
C PHE A 47 -1.24 -7.19 4.36
N LEU A 48 -0.37 -8.20 4.52
CA LEU A 48 0.55 -8.66 3.46
C LEU A 48 -0.18 -9.20 2.23
N ARG A 49 -1.24 -10.02 2.44
CA ARG A 49 -2.10 -10.58 1.39
C ARG A 49 -2.69 -9.40 0.58
N GLU A 50 -3.13 -8.33 1.28
CA GLU A 50 -3.71 -7.13 0.68
C GLU A 50 -2.72 -6.38 -0.19
N LEU A 51 -1.51 -6.09 0.33
CA LEU A 51 -0.47 -5.40 -0.43
C LEU A 51 -0.01 -6.20 -1.67
N ILE A 52 0.15 -7.54 -1.53
CA ILE A 52 0.54 -8.43 -2.66
C ILE A 52 -0.58 -8.44 -3.72
N SER A 53 -1.82 -8.51 -3.27
CA SER A 53 -3.00 -8.50 -4.15
C SER A 53 -3.07 -7.18 -4.96
N ASN A 54 -2.79 -6.03 -4.30
CA ASN A 54 -2.75 -4.73 -4.96
C ASN A 54 -1.64 -4.68 -6.01
N ALA A 55 -0.44 -5.20 -5.66
CA ALA A 55 0.72 -5.28 -6.56
C ALA A 55 0.36 -6.10 -7.80
N SER A 56 -0.27 -7.25 -7.60
CA SER A 56 -0.75 -8.18 -8.65
C SER A 56 -1.76 -7.46 -9.58
N ASP A 57 -2.70 -6.69 -9.00
CA ASP A 57 -3.64 -5.90 -9.80
C ASP A 57 -2.90 -4.84 -10.65
N ALA A 58 -1.88 -4.14 -10.07
CA ALA A 58 -1.09 -3.12 -10.78
C ALA A 58 -0.30 -3.74 -11.95
N CYS A 59 0.22 -4.98 -11.79
CA CYS A 59 0.92 -5.71 -12.85
C CYS A 59 -0.07 -6.11 -13.95
N ASP A 60 -1.31 -6.50 -13.57
CA ASP A 60 -2.39 -6.87 -14.50
C ASP A 60 -2.78 -5.67 -15.36
N LYS A 61 -2.90 -4.48 -14.77
CA LYS A 61 -3.31 -3.29 -15.50
C LYS A 61 -2.36 -2.98 -16.65
N ILE A 62 -1.04 -3.09 -16.42
CA ILE A 62 -0.02 -2.85 -17.46
C ILE A 62 0.05 -4.03 -18.44
N ARG A 63 -0.12 -5.28 -17.95
CA ARG A 63 -0.12 -6.47 -18.82
C ARG A 63 -1.28 -6.38 -19.83
N TYR A 64 -2.49 -5.97 -19.38
CA TYR A 64 -3.63 -5.80 -20.27
C TYR A 64 -3.47 -4.60 -21.21
N GLN A 65 -2.76 -3.55 -20.78
CA GLN A 65 -2.48 -2.35 -21.58
C GLN A 65 -1.60 -2.72 -22.77
N SER A 66 -0.70 -3.70 -22.58
CA SER A 66 0.24 -4.24 -23.58
C SER A 66 -0.48 -4.91 -24.75
N LEU A 67 -1.71 -5.44 -24.54
CA LEU A 67 -2.50 -6.10 -25.58
C LEU A 67 -2.92 -5.10 -26.66
N THR A 68 -3.33 -3.89 -26.24
CA THR A 68 -3.77 -2.79 -27.12
C THR A 68 -2.58 -1.93 -27.57
N ASP A 69 -1.91 -1.24 -26.61
CA ASP A 69 -0.77 -0.36 -26.86
C ASP A 69 0.50 -1.12 -27.31
N PRO A 77 9.47 -7.70 -20.80
CA PRO A 77 9.75 -7.34 -19.40
C PRO A 77 9.04 -8.26 -18.42
N ARG A 78 9.75 -8.65 -17.33
CA ARG A 78 9.20 -9.56 -16.31
C ARG A 78 8.48 -8.78 -15.21
N LEU A 79 7.16 -8.98 -15.12
CA LEU A 79 6.33 -8.36 -14.09
C LEU A 79 6.49 -9.23 -12.84
N CYS A 80 6.92 -8.63 -11.74
N CYS A 80 7.05 -8.63 -11.77
CA CYS A 80 7.09 -9.38 -10.51
CA CYS A 80 7.44 -9.31 -10.51
C CYS A 80 6.86 -8.51 -9.28
C CYS A 80 7.09 -8.48 -9.25
N ILE A 81 6.71 -9.16 -8.15
CA ILE A 81 6.41 -8.55 -6.85
C ILE A 81 7.59 -8.90 -5.91
N ARG A 82 8.05 -7.91 -5.13
CA ARG A 82 9.14 -8.10 -4.17
C ARG A 82 8.72 -7.71 -2.78
N VAL A 83 9.13 -8.52 -1.78
CA VAL A 83 8.84 -8.28 -0.37
C VAL A 83 10.20 -8.04 0.27
N VAL A 84 10.44 -6.80 0.73
CA VAL A 84 11.75 -6.39 1.23
C VAL A 84 11.75 -5.99 2.73
N PRO A 85 12.11 -6.92 3.64
CA PRO A 85 12.24 -6.53 5.05
C PRO A 85 13.56 -5.75 5.29
N ASP A 86 13.56 -4.81 6.25
CA ASP A 86 14.75 -4.01 6.60
C ASP A 86 14.81 -3.83 8.13
N LYS A 87 15.58 -4.72 8.80
CA LYS A 87 15.74 -4.76 10.26
C LYS A 87 16.31 -3.46 10.88
N GLU A 88 17.24 -2.79 10.17
CA GLU A 88 17.91 -1.56 10.63
C GLU A 88 16.95 -0.35 10.74
N ASN A 89 16.14 -0.09 9.67
CA ASN A 89 15.18 1.03 9.65
C ASN A 89 13.80 0.62 10.18
N LYS A 90 13.66 -0.67 10.59
CA LYS A 90 12.44 -1.30 11.12
C LYS A 90 11.27 -1.15 10.13
N THR A 91 11.54 -1.39 8.82
CA THR A 91 10.55 -1.26 7.75
C THR A 91 10.36 -2.52 6.90
N LEU A 92 9.14 -2.70 6.38
CA LEU A 92 8.79 -3.77 5.46
C LEU A 92 8.25 -3.10 4.19
N THR A 93 8.82 -3.48 3.04
CA THR A 93 8.44 -2.92 1.74
C THR A 93 7.88 -3.99 0.78
N VAL A 94 6.77 -3.65 0.10
CA VAL A 94 6.16 -4.46 -0.96
C VAL A 94 6.33 -3.62 -2.24
N GLU A 95 7.07 -4.13 -3.20
CA GLU A 95 7.38 -3.44 -4.46
C GLU A 95 6.89 -4.20 -5.68
N ASP A 96 6.52 -3.46 -6.73
CA ASP A 96 6.06 -4.03 -8.00
C ASP A 96 6.49 -3.12 -9.14
N ASN A 97 6.58 -3.68 -10.36
CA ASN A 97 6.87 -2.91 -11.57
C ASN A 97 5.59 -2.90 -12.44
N GLY A 98 4.45 -2.72 -11.77
CA GLY A 98 3.15 -2.61 -12.40
C GLY A 98 2.97 -1.25 -13.07
N ILE A 99 1.71 -0.88 -13.35
CA ILE A 99 1.34 0.35 -14.04
C ILE A 99 1.84 1.65 -13.34
N GLY A 100 1.89 1.67 -12.01
CA GLY A 100 2.28 2.88 -11.29
C GLY A 100 1.12 3.86 -11.19
N MET A 101 1.27 4.84 -10.33
CA MET A 101 0.23 5.84 -10.10
C MET A 101 0.75 7.25 -10.38
N THR A 102 -0.09 8.10 -10.97
CA THR A 102 0.21 9.51 -11.23
C THR A 102 -0.01 10.29 -9.93
N LYS A 103 0.28 11.60 -9.93
CA LYS A 103 0.08 12.46 -8.76
C LYS A 103 -1.41 12.48 -8.44
N ALA A 104 -2.23 12.68 -9.47
CA ALA A 104 -3.70 12.71 -9.41
C ALA A 104 -4.26 11.38 -8.86
N ASP A 105 -3.71 10.21 -9.29
CA ASP A 105 -4.11 8.88 -8.78
C ASP A 105 -3.91 8.80 -7.26
N LEU A 106 -2.73 9.25 -6.78
CA LEU A 106 -2.35 9.27 -5.36
C LEU A 106 -3.25 10.20 -4.56
N VAL A 107 -3.52 11.40 -5.07
CA VAL A 107 -4.34 12.41 -4.39
C VAL A 107 -5.81 11.96 -4.34
N ASN A 108 -6.36 11.58 -5.48
CA ASN A 108 -7.76 11.20 -5.62
C ASN A 108 -8.11 9.84 -5.04
N ASN A 109 -7.26 8.81 -5.22
CA ASN A 109 -7.61 7.45 -4.78
C ASN A 109 -6.96 7.05 -3.46
N LEU A 110 -6.09 7.89 -2.93
CA LEU A 110 -5.44 7.58 -1.67
C LEU A 110 -5.64 8.68 -0.61
N GLY A 111 -6.86 9.21 -0.56
CA GLY A 111 -7.20 10.17 0.48
C GLY A 111 -8.31 11.18 0.33
N THR A 112 -8.49 11.79 -0.86
CA THR A 112 -9.46 12.90 -0.94
C THR A 112 -10.84 12.54 -1.47
N ILE A 113 -10.99 11.43 -2.18
CA ILE A 113 -12.30 11.05 -2.72
C ILE A 113 -12.78 9.78 -2.02
N ALA A 114 -13.94 9.85 -1.37
CA ALA A 114 -14.50 8.69 -0.68
C ALA A 114 -15.01 7.65 -1.65
N ARG A 115 -14.59 6.42 -1.42
CA ARG A 115 -15.07 5.25 -2.14
C ARG A 115 -16.32 4.81 -1.36
N SER A 116 -17.27 4.14 -2.04
CA SER A 116 -18.46 3.61 -1.40
C SER A 116 -18.05 2.53 -0.39
N GLY A 117 -16.91 1.89 -0.65
CA GLY A 117 -16.34 0.84 0.18
C GLY A 117 -15.85 1.26 1.55
N THR A 118 -15.53 2.57 1.72
CA THR A 118 -15.03 3.11 2.99
C THR A 118 -16.09 2.92 4.08
N LYS A 119 -17.28 3.49 3.88
CA LYS A 119 -18.40 3.39 4.78
C LYS A 119 -18.93 1.96 4.82
N ALA A 120 -19.09 1.30 3.65
CA ALA A 120 -19.58 -0.06 3.55
C ALA A 120 -18.70 -1.05 4.33
N PHE A 121 -17.36 -0.90 4.31
CA PHE A 121 -16.48 -1.77 5.11
C PHE A 121 -16.68 -1.56 6.63
N MET A 122 -16.80 -0.30 7.05
CA MET A 122 -17.05 0.02 8.45
C MET A 122 -18.38 -0.53 8.90
N GLU A 123 -19.40 -0.46 8.01
CA GLU A 123 -20.73 -1.04 8.27
C GLU A 123 -20.64 -2.55 8.32
N ALA A 124 -19.81 -3.18 7.48
CA ALA A 124 -19.69 -4.66 7.49
C ALA A 124 -19.00 -5.15 8.78
N LEU A 125 -17.96 -4.43 9.26
CA LEU A 125 -17.28 -4.74 10.52
C LEU A 125 -18.28 -4.63 11.69
N GLU A 126 -19.12 -3.56 11.66
CA GLU A 126 -20.16 -3.31 12.65
C GLU A 126 -21.19 -4.43 12.65
N ALA A 127 -21.55 -4.95 11.45
CA ALA A 127 -22.50 -6.06 11.32
C ALA A 127 -21.86 -7.47 11.57
N GLY A 128 -20.64 -7.53 12.14
CA GLY A 128 -20.01 -8.79 12.49
C GLY A 128 -18.99 -9.34 11.52
N GLY A 129 -18.64 -8.54 10.52
CA GLY A 129 -17.66 -8.91 9.51
C GLY A 129 -16.26 -9.00 10.09
N ASP A 130 -15.33 -9.40 9.26
CA ASP A 130 -13.95 -9.61 9.65
C ASP A 130 -13.05 -8.68 8.86
N MET A 131 -11.91 -8.32 9.43
CA MET A 131 -10.91 -7.50 8.78
C MET A 131 -10.39 -8.14 7.48
N SER A 132 -10.43 -9.49 7.36
CA SER A 132 -9.99 -10.23 6.17
C SER A 132 -10.89 -9.96 4.93
N MET A 133 -12.09 -9.39 5.15
CA MET A 133 -13.09 -9.05 4.12
CA MET A 133 -13.05 -9.09 4.08
C MET A 133 -12.74 -7.74 3.41
N ILE A 134 -11.79 -6.95 3.98
CA ILE A 134 -11.39 -5.59 3.54
C ILE A 134 -11.21 -5.44 2.00
N GLY A 135 -10.55 -6.42 1.37
CA GLY A 135 -10.30 -6.49 -0.06
C GLY A 135 -11.48 -6.27 -0.99
N GLN A 136 -12.66 -6.82 -0.63
CA GLN A 136 -13.85 -6.63 -1.46
C GLN A 136 -14.41 -5.21 -1.40
N PHE A 137 -13.91 -4.38 -0.46
CA PHE A 137 -14.39 -3.00 -0.32
C PHE A 137 -13.46 -1.95 -0.98
N GLY A 138 -12.40 -2.37 -1.67
CA GLY A 138 -11.48 -1.47 -2.38
C GLY A 138 -10.70 -0.55 -1.46
N VAL A 139 -10.50 -0.98 -0.20
CA VAL A 139 -9.82 -0.19 0.85
C VAL A 139 -8.79 -1.04 1.58
N GLY A 140 -8.45 -2.20 1.04
CA GLY A 140 -7.47 -3.13 1.60
C GLY A 140 -6.09 -2.54 1.87
N PHE A 141 -5.70 -1.48 1.10
CA PHE A 141 -4.41 -0.79 1.31
C PHE A 141 -4.28 -0.31 2.78
N TYR A 142 -5.37 0.24 3.32
CA TYR A 142 -5.40 0.83 4.67
C TYR A 142 -5.17 -0.21 5.80
N SER A 143 -5.20 -1.54 5.48
CA SER A 143 -4.91 -2.62 6.44
C SER A 143 -3.44 -2.58 6.85
N ALA A 144 -2.60 -1.85 6.11
CA ALA A 144 -1.18 -1.64 6.42
C ALA A 144 -1.05 -1.04 7.82
N TYR A 145 -2.04 -0.22 8.23
CA TYR A 145 -2.04 0.46 9.52
C TYR A 145 -2.37 -0.46 10.72
N LEU A 146 -2.60 -1.77 10.46
CA LEU A 146 -2.81 -2.76 11.50
C LEU A 146 -1.45 -3.04 12.15
N VAL A 147 -0.37 -2.97 11.35
CA VAL A 147 1.00 -3.30 11.78
C VAL A 147 1.96 -2.11 11.70
N ALA A 148 1.59 -1.05 10.95
CA ALA A 148 2.42 0.14 10.74
C ALA A 148 1.87 1.42 11.37
N ASP A 149 2.77 2.27 11.87
CA ASP A 149 2.39 3.58 12.41
C ASP A 149 2.58 4.68 11.36
N ARG A 150 3.30 4.36 10.24
CA ARG A 150 3.58 5.24 9.11
C ARG A 150 3.68 4.41 7.83
N VAL A 151 3.12 4.92 6.72
CA VAL A 151 3.16 4.25 5.41
C VAL A 151 3.58 5.26 4.37
N THR A 152 4.52 4.85 3.51
CA THR A 152 5.07 5.65 2.42
C THR A 152 4.79 4.94 1.09
N VAL A 153 4.20 5.66 0.13
CA VAL A 153 3.91 5.13 -1.21
C VAL A 153 4.70 5.95 -2.24
N THR A 154 5.65 5.28 -2.91
CA THR A 154 6.50 5.89 -3.93
C THR A 154 6.12 5.22 -5.23
N SER A 155 5.66 6.01 -6.20
CA SER A 155 5.15 5.45 -7.44
C SER A 155 5.58 6.24 -8.66
N LYS A 156 5.62 5.53 -9.79
CA LYS A 156 5.98 6.08 -11.08
C LYS A 156 5.09 5.46 -12.14
N ASN A 157 4.31 6.31 -12.80
CA ASN A 157 3.45 5.95 -13.91
C ASN A 157 4.14 6.54 -15.16
N ASN A 158 3.97 5.93 -16.36
CA ASN A 158 4.56 6.42 -17.61
C ASN A 158 4.09 7.84 -17.99
N SER A 159 2.89 8.25 -17.55
CA SER A 159 2.29 9.54 -17.89
C SER A 159 2.68 10.70 -16.96
N ASP A 160 3.48 10.45 -15.90
CA ASP A 160 3.81 11.50 -14.92
C ASP A 160 5.19 11.28 -14.28
N GLU A 161 5.66 12.27 -13.51
CA GLU A 161 6.91 12.18 -12.75
C GLU A 161 6.61 11.31 -11.49
N SER A 162 7.64 10.89 -10.76
CA SER A 162 7.40 10.03 -9.61
C SER A 162 7.10 10.87 -8.36
N TYR A 163 6.17 10.40 -7.54
CA TYR A 163 5.76 11.11 -6.34
C TYR A 163 5.80 10.22 -5.12
N VAL A 164 5.84 10.84 -3.95
CA VAL A 164 5.86 10.12 -2.69
C VAL A 164 4.66 10.55 -1.86
N TRP A 165 3.78 9.58 -1.56
CA TRP A 165 2.61 9.77 -0.69
C TRP A 165 3.07 9.33 0.70
N GLU A 166 2.63 10.00 1.74
CA GLU A 166 3.01 9.56 3.09
C GLU A 166 1.95 9.91 4.09
N SER A 167 1.69 9.01 5.08
CA SER A 167 0.77 9.29 6.18
C SER A 167 1.06 8.48 7.43
N SER A 168 0.88 9.13 8.59
CA SER A 168 1.02 8.53 9.91
C SER A 168 -0.35 8.41 10.59
N ALA A 169 -1.43 8.36 9.76
CA ALA A 169 -2.83 8.26 10.16
C ALA A 169 -3.23 9.35 11.20
N GLY A 170 -2.80 10.58 10.91
CA GLY A 170 -3.04 11.73 11.76
C GLY A 170 -4.05 12.73 11.21
N GLY A 171 -4.86 12.27 10.25
CA GLY A 171 -5.89 13.13 9.64
C GLY A 171 -5.45 13.74 8.34
N THR A 172 -4.15 13.62 8.02
CA THR A 172 -3.58 14.16 6.80
C THR A 172 -2.59 13.22 6.15
N PHE A 173 -2.31 13.50 4.89
CA PHE A 173 -1.27 12.84 4.14
C PHE A 173 -0.47 13.89 3.37
N THR A 174 0.77 13.54 2.95
CA THR A 174 1.62 14.41 2.13
C THR A 174 1.85 13.80 0.74
N ILE A 175 2.12 14.68 -0.25
CA ILE A 175 2.43 14.39 -1.64
C ILE A 175 3.72 15.16 -1.95
N THR A 176 4.83 14.42 -2.17
CA THR A 176 6.14 15.03 -2.39
C THR A 176 6.74 14.63 -3.74
N SER A 177 7.29 15.62 -4.47
CA SER A 177 7.99 15.42 -5.75
C SER A 177 9.35 14.73 -5.53
N THR A 178 9.89 14.12 -6.59
CA THR A 178 11.17 13.41 -6.54
C THR A 178 12.18 14.00 -7.56
N PRO A 179 12.52 15.31 -7.55
CA PRO A 179 13.46 15.81 -8.56
C PRO A 179 14.92 15.52 -8.20
N MET A 183 13.19 7.28 -11.28
CA MET A 183 12.56 6.03 -10.85
C MET A 183 11.95 5.26 -12.04
N LYS A 184 12.13 3.92 -12.05
CA LYS A 184 11.52 3.06 -13.06
C LYS A 184 10.04 2.89 -12.73
N ARG A 185 9.21 2.58 -13.75
CA ARG A 185 7.77 2.37 -13.63
C ARG A 185 7.40 1.34 -12.54
N GLY A 186 6.47 1.71 -11.68
CA GLY A 186 6.00 0.85 -10.61
C GLY A 186 5.75 1.56 -9.30
N THR A 187 5.54 0.77 -8.24
CA THR A 187 5.22 1.25 -6.91
C THR A 187 5.98 0.50 -5.84
N ARG A 188 6.36 1.23 -4.80
CA ARG A 188 7.04 0.74 -3.61
C ARG A 188 6.22 1.22 -2.42
N ILE A 189 5.78 0.27 -1.58
CA ILE A 189 5.00 0.62 -0.40
C ILE A 189 5.81 0.27 0.85
N THR A 190 6.27 1.29 1.58
CA THR A 190 7.09 1.07 2.76
C THR A 190 6.28 1.29 4.04
N LEU A 191 6.30 0.25 4.90
CA LEU A 191 5.62 0.25 6.18
C LEU A 191 6.60 0.40 7.34
N HIS A 192 6.48 1.50 8.11
CA HIS A 192 7.27 1.64 9.33
C HIS A 192 6.49 0.87 10.40
N LEU A 193 7.00 -0.29 10.82
CA LEU A 193 6.31 -1.19 11.75
C LEU A 193 6.16 -0.68 13.18
N LYS A 194 5.01 -1.03 13.81
CA LYS A 194 4.71 -0.74 15.22
C LYS A 194 5.65 -1.59 16.08
N GLU A 195 6.03 -1.10 17.27
CA GLU A 195 6.97 -1.74 18.20
C GLU A 195 6.71 -3.23 18.47
N ASP A 196 5.43 -3.64 18.56
CA ASP A 196 5.02 -5.01 18.86
C ASP A 196 4.76 -5.88 17.59
N GLN A 197 4.95 -5.31 16.38
CA GLN A 197 4.72 -5.98 15.09
C GLN A 197 6.05 -6.27 14.35
N MET A 198 7.14 -6.44 15.12
CA MET A 198 8.49 -6.70 14.60
C MET A 198 8.66 -8.10 13.97
N GLU A 199 7.70 -9.02 14.20
CA GLU A 199 7.72 -10.38 13.64
C GLU A 199 7.68 -10.41 12.09
N TYR A 200 7.15 -9.33 11.46
CA TYR A 200 7.05 -9.22 10.00
C TYR A 200 8.36 -8.76 9.33
N LEU A 201 9.44 -8.73 10.11
CA LEU A 201 10.79 -8.45 9.61
C LEU A 201 11.56 -9.77 9.47
N GLU A 202 11.12 -10.82 10.21
CA GLU A 202 11.72 -12.16 10.22
C GLU A 202 11.50 -12.88 8.88
N PRO A 203 12.61 -13.34 8.23
CA PRO A 203 12.48 -14.03 6.92
C PRO A 203 11.59 -15.28 6.95
N ARG A 204 11.71 -16.11 8.02
CA ARG A 204 10.90 -17.32 8.21
C ARG A 204 9.40 -17.00 8.22
N ARG A 205 8.99 -15.98 9.01
CA ARG A 205 7.61 -15.52 9.14
C ARG A 205 7.04 -15.04 7.79
N LEU A 206 7.85 -14.30 7.02
CA LEU A 206 7.45 -13.76 5.71
C LEU A 206 7.29 -14.85 4.66
N LYS A 207 8.23 -15.83 4.65
CA LYS A 207 8.22 -16.98 3.73
C LYS A 207 6.90 -17.75 3.89
N GLU A 208 6.48 -17.98 5.17
CA GLU A 208 5.23 -18.64 5.57
C GLU A 208 4.04 -17.85 5.04
N LEU A 209 3.93 -16.55 5.41
CA LEU A 209 2.87 -15.63 4.99
C LEU A 209 2.73 -15.54 3.48
N ILE A 210 3.86 -15.44 2.76
CA ILE A 210 3.86 -15.39 1.29
C ILE A 210 3.27 -16.72 0.75
N LYS A 211 3.77 -17.89 1.22
CA LYS A 211 3.29 -19.22 0.81
C LYS A 211 1.79 -19.44 1.07
N LYS A 212 1.26 -18.89 2.19
CA LYS A 212 -0.14 -19.00 2.60
C LYS A 212 -1.13 -18.53 1.50
N HIS A 213 -0.75 -17.54 0.66
CA HIS A 213 -1.65 -17.04 -0.40
C HIS A 213 -0.96 -16.89 -1.78
N SER A 214 0.29 -17.36 -1.94
CA SER A 214 1.01 -17.25 -3.23
C SER A 214 0.44 -18.18 -4.32
N GLU A 215 -0.43 -19.13 -3.92
CA GLU A 215 -1.10 -20.12 -4.77
C GLU A 215 -1.96 -19.48 -5.85
N PHE A 216 -2.54 -18.32 -5.57
CA PHE A 216 -3.43 -17.65 -6.50
C PHE A 216 -2.84 -16.39 -7.15
N ILE A 217 -1.57 -16.07 -6.83
CA ILE A 217 -0.88 -14.95 -7.48
C ILE A 217 -0.07 -15.54 -8.65
N GLY A 218 -0.38 -15.08 -9.86
CA GLY A 218 0.28 -15.53 -11.08
C GLY A 218 1.72 -15.05 -11.22
N TYR A 219 2.02 -13.87 -10.65
CA TYR A 219 3.36 -13.26 -10.71
C TYR A 219 4.28 -13.85 -9.64
N ASP A 220 5.59 -13.77 -9.88
CA ASP A 220 6.62 -14.23 -8.94
C ASP A 220 6.69 -13.30 -7.73
N ILE A 221 6.77 -13.89 -6.53
CA ILE A 221 6.86 -13.10 -5.29
C ILE A 221 8.25 -13.37 -4.71
N GLU A 222 9.17 -12.40 -4.88
CA GLU A 222 10.56 -12.53 -4.41
C GLU A 222 10.78 -11.90 -3.05
N LEU A 223 11.11 -12.72 -2.05
CA LEU A 223 11.46 -12.28 -0.70
C LEU A 223 12.98 -11.99 -0.69
N MET A 224 13.37 -10.73 -0.44
CA MET A 224 14.78 -10.33 -0.41
C MET A 224 15.36 -10.48 1.01
N VAL A 225 16.05 -11.63 1.23
CA VAL A 225 16.66 -12.07 2.50
C VAL A 225 17.51 -11.01 3.20
N GLU A 226 18.33 -10.24 2.45
CA GLU A 226 19.25 -9.18 2.91
C GLU A 226 20.31 -9.74 3.89
CAA D1S B . -1.37 1.81 -3.12
CAB D1S B . -7.05 3.91 -10.19
CAC D1S B . -7.05 2.48 -2.02
CAD D1S B . -3.90 -1.30 -7.03
CAE D1S B . -7.56 2.66 -6.36
CAF D1S B . -3.34 -0.24 -10.40
CAG D1S B . -11.02 -5.25 -7.15
CAH D1S B . -11.14 -2.88 -6.63
NAI D1S B . 0.77 -1.68 -5.86
OAJ D1S B . 0.05 -0.11 -7.32
OAK D1S B . -7.20 -0.22 -0.89
OAL D1S B . -6.76 -3.31 -6.80
OAM D1S B . -9.05 0.81 -4.50
OAN D1S B . -5.66 1.29 -11.06
CAO D1S B . -4.89 2.12 -4.17
CAP D1S B . -5.40 1.11 -3.35
CAQ D1S B . -3.67 1.96 -4.82
CAR D1S B . -3.24 0.88 -8.19
CAS D1S B . -7.22 -2.19 -4.91
CAT D1S B . -9.54 -3.35 -8.97
CAU D1S B . -9.27 -1.84 -9.08
CAV D1S B . -11.06 -3.64 -8.95
CAW D1S B . -9.20 0.90 -7.26
CAX D1S B . -7.05 1.37 -8.49
NAY D1S B . -8.02 -1.54 -8.37
NAZ D1S B . -7.70 -1.03 -2.94
OBA D1S B . -2.06 0.63 -3.53
OBB D1S B . -6.14 3.75 -9.10
OBC D1S B . -1.33 -0.75 -5.67
CBD D1S B . -0.14 -0.82 -6.33
CBE D1S B . -6.66 1.20 -2.73
CBF D1S B . -3.11 0.03 -7.10
CBG D1S B . -7.21 -0.09 -2.12
CBH D1S B . -7.77 -1.07 -4.28
CBI D1S B . -8.54 -0.24 -6.44
CBJ D1S B . -7.99 -1.39 -7.04
CBK D1S B . -7.29 -2.33 -6.29
CBL D1S B . -8.49 -0.15 -5.05
CBM D1S B . -8.16 2.00 -7.61
CBN D1S B . -4.18 0.46 -9.32
CBO D1S B . -2.91 0.79 -4.71
CBP D1S B . -4.92 1.69 -9.89
CBQ D1S B . -5.86 2.33 -8.82
CBR D1S B . -2.16 0.41 -5.97
NBS D1S B . -11.52 -3.94 -7.59
#